data_6JLC
#
_entry.id   6JLC
#
_cell.length_a   75.670
_cell.length_b   75.670
_cell.length_c   192.100
_cell.angle_alpha   90.00
_cell.angle_beta   90.00
_cell.angle_gamma   120.00
#
_symmetry.space_group_name_H-M   'P 65 2 2'
#
loop_
_entity.id
_entity.type
_entity.pdbx_description
1 polymer 'CAMP factor'
2 non-polymer 'ACETATE ION'
3 water water
#
_entity_poly.entity_id   1
_entity_poly.type   'polypeptide(L)'
_entity_poly.pdbx_seq_one_letter_code
;VDSTELTPSEAQSAIDDINAAVETLKEIQSEEPKADWSKEFDKLFATATELTQSLAVVAGGYQTLANPDLIMARTHLIVE
IGLTVDKSANNLRYKIQKAHVELGFSVTRAIMRVANIGATVYQLNDSISDLRATYERVSTYRDLKSTDTATIYVKDLLNK
AIWNTRVARDKEILTHKNFRTYQTLNKEITKAVRVWFKAKATVAECDAAIAKLNTAYATAYSAPSVRAAAS
;
_entity_poly.pdbx_strand_id   A
#
# COMPACT_ATOMS: atom_id res chain seq x y z
N GLU A 5 29.00 -19.25 5.87
CA GLU A 5 27.87 -19.78 6.59
C GLU A 5 26.53 -19.48 5.92
N LEU A 6 26.51 -18.52 5.00
CA LEU A 6 25.27 -18.25 4.27
C LEU A 6 25.41 -19.06 3.01
N THR A 7 24.57 -20.06 2.86
CA THR A 7 24.65 -20.92 1.70
C THR A 7 23.94 -20.35 0.48
N PRO A 8 24.29 -20.82 -0.70
CA PRO A 8 23.60 -20.33 -1.90
C PRO A 8 22.08 -20.48 -1.80
N SER A 9 21.61 -21.60 -1.26
CA SER A 9 20.17 -21.81 -1.15
C SER A 9 19.55 -20.79 -0.21
N GLU A 10 20.15 -20.60 0.96
CA GLU A 10 19.68 -19.57 1.89
C GLU A 10 19.69 -18.19 1.26
N ALA A 11 20.74 -17.88 0.49
CA ALA A 11 20.81 -16.58 -0.21
C ALA A 11 19.66 -16.45 -1.22
N GLN A 12 19.35 -17.53 -1.95
CA GLN A 12 18.25 -17.43 -2.91
C GLN A 12 16.91 -17.25 -2.21
N SER A 13 16.70 -17.92 -1.07
CA SER A 13 15.46 -17.74 -0.33
C SER A 13 15.29 -16.30 0.09
N ALA A 14 16.40 -15.68 0.57
CA ALA A 14 16.36 -14.28 0.95
C ALA A 14 15.98 -13.40 -0.22
N ILE A 15 16.60 -13.64 -1.39
CA ILE A 15 16.24 -12.91 -2.60
C ILE A 15 14.75 -13.01 -2.85
N ASP A 16 14.22 -14.24 -2.85
CA ASP A 16 12.80 -14.42 -3.13
C ASP A 16 11.94 -13.66 -2.14
N ASP A 17 12.31 -13.70 -0.84
CA ASP A 17 11.52 -13.01 0.18
C ASP A 17 11.57 -11.51 -0.02
N ILE A 18 12.73 -10.99 -0.39
CA ILE A 18 12.84 -9.55 -0.65
C ILE A 18 11.99 -9.16 -1.85
N ASN A 19 12.08 -9.92 -2.94
CA ASN A 19 11.31 -9.58 -4.13
C ASN A 19 9.81 -9.64 -3.88
N ALA A 20 9.36 -10.63 -3.10
CA ALA A 20 7.95 -10.68 -2.72
C ALA A 20 7.54 -9.46 -1.89
N ALA A 21 8.40 -9.04 -0.96
CA ALA A 21 8.08 -7.83 -0.18
C ALA A 21 8.00 -6.62 -1.09
N VAL A 22 8.91 -6.50 -2.05
CA VAL A 22 8.91 -5.34 -2.92
C VAL A 22 7.67 -5.32 -3.81
N GLU A 23 7.21 -6.48 -4.27
CA GLU A 23 6.02 -6.47 -5.11
C GLU A 23 4.78 -6.07 -4.30
N THR A 24 4.69 -6.53 -3.06
CA THR A 24 3.60 -6.09 -2.19
C THR A 24 3.63 -4.58 -2.02
N LEU A 25 4.81 -4.03 -1.76
CA LEU A 25 4.91 -2.59 -1.51
C LEU A 25 4.57 -1.78 -2.75
N LYS A 26 4.99 -2.23 -3.93
CA LYS A 26 4.67 -1.50 -5.16
C LYS A 26 3.17 -1.46 -5.41
N GLU A 27 2.47 -2.57 -5.15
CA GLU A 27 1.02 -2.59 -5.32
C GLU A 27 0.35 -1.59 -4.39
N ILE A 28 0.74 -1.58 -3.12
CA ILE A 28 0.13 -0.64 -2.19
C ILE A 28 0.48 0.79 -2.57
N GLN A 29 1.70 1.03 -3.04
CA GLN A 29 2.07 2.38 -3.45
C GLN A 29 1.21 2.85 -4.62
N SER A 30 0.91 1.94 -5.54
CA SER A 30 0.02 2.24 -6.65
C SER A 30 -1.36 2.66 -6.16
N GLU A 31 -1.86 2.01 -5.11
CA GLU A 31 -3.21 2.31 -4.63
C GLU A 31 -3.25 3.48 -3.67
N GLU A 32 -2.16 3.77 -2.97
CA GLU A 32 -2.16 4.82 -1.94
C GLU A 32 -0.90 5.68 -2.08
N PRO A 33 -0.76 6.37 -3.23
CA PRO A 33 0.53 7.05 -3.51
C PRO A 33 0.89 8.15 -2.54
N LYS A 34 -0.10 8.79 -1.92
CA LYS A 34 0.15 9.87 -0.98
C LYS A 34 0.24 9.39 0.47
N ALA A 35 0.30 8.07 0.68
CA ALA A 35 0.38 7.55 2.05
C ALA A 35 1.60 8.08 2.77
N ASP A 36 1.44 8.30 4.08
CA ASP A 36 2.56 8.77 4.90
C ASP A 36 3.72 7.79 4.87
N TRP A 37 3.44 6.49 4.79
CA TRP A 37 4.49 5.49 4.81
C TRP A 37 5.33 5.45 3.53
N SER A 38 4.87 6.06 2.44
CA SER A 38 5.53 5.90 1.14
C SER A 38 6.55 6.99 0.84
N LYS A 39 6.84 7.87 1.80
CA LYS A 39 7.74 8.99 1.55
C LYS A 39 9.07 8.54 0.95
N GLU A 40 9.65 7.46 1.45
CA GLU A 40 10.98 7.03 1.03
C GLU A 40 10.97 5.68 0.29
N PHE A 41 9.87 5.37 -0.42
CA PHE A 41 9.81 4.09 -1.11
C PHE A 41 10.89 3.96 -2.18
N ASP A 42 11.29 5.08 -2.81
CA ASP A 42 12.34 5.04 -3.83
C ASP A 42 13.66 4.53 -3.25
N LYS A 43 14.06 5.08 -2.10
CA LYS A 43 15.26 4.61 -1.42
C LYS A 43 15.14 3.14 -1.04
N LEU A 44 13.96 2.73 -0.55
CA LEU A 44 13.75 1.34 -0.16
C LEU A 44 13.95 0.40 -1.35
N PHE A 45 13.37 0.72 -2.51
CA PHE A 45 13.47 -0.17 -3.66
C PHE A 45 14.90 -0.23 -4.18
N ALA A 46 15.61 0.90 -4.17
CA ALA A 46 17.01 0.88 -4.59
C ALA A 46 17.85 0.04 -3.64
N THR A 47 17.59 0.14 -2.33
CA THR A 47 18.31 -0.69 -1.37
C THR A 47 18.00 -2.16 -1.58
N ALA A 48 16.75 -2.49 -1.88
CA ALA A 48 16.37 -3.87 -2.10
C ALA A 48 17.13 -4.45 -3.27
N THR A 49 17.33 -3.65 -4.32
CA THR A 49 18.11 -4.07 -5.47
C THR A 49 19.55 -4.33 -5.09
N GLU A 50 20.16 -3.43 -4.31
CA GLU A 50 21.54 -3.66 -3.88
C GLU A 50 21.63 -4.92 -3.04
N LEU A 51 20.64 -5.15 -2.18
CA LEU A 51 20.67 -6.31 -1.30
C LEU A 51 20.56 -7.61 -2.10
N THR A 52 19.66 -7.66 -3.08
CA THR A 52 19.54 -8.91 -3.83
C THR A 52 20.74 -9.13 -4.74
N GLN A 53 21.38 -8.05 -5.21
CA GLN A 53 22.60 -8.20 -5.99
C GLN A 53 23.73 -8.77 -5.14
N SER A 54 23.83 -8.33 -3.89
CA SER A 54 24.82 -8.91 -3.00
C SER A 54 24.50 -10.36 -2.68
N LEU A 55 23.21 -10.66 -2.49
CA LEU A 55 22.82 -12.05 -2.25
C LEU A 55 23.03 -12.90 -3.49
N ALA A 56 22.79 -12.34 -4.68
CA ALA A 56 22.94 -13.10 -5.92
C ALA A 56 24.37 -13.56 -6.11
N VAL A 57 25.33 -12.79 -5.58
CA VAL A 57 26.73 -13.20 -5.65
C VAL A 57 26.93 -14.50 -4.89
N VAL A 58 26.31 -14.63 -3.71
CA VAL A 58 26.42 -15.86 -2.94
C VAL A 58 25.64 -16.98 -3.61
N ALA A 59 24.41 -16.69 -4.05
CA ALA A 59 23.59 -17.73 -4.69
C ALA A 59 24.28 -18.27 -5.94
N GLY A 60 25.07 -17.42 -6.62
CA GLY A 60 25.80 -17.81 -7.81
C GLY A 60 27.09 -18.56 -7.55
N GLY A 61 27.45 -18.77 -6.30
CA GLY A 61 28.63 -19.52 -5.96
C GLY A 61 29.90 -18.71 -5.89
N TYR A 62 29.81 -17.38 -5.99
CA TYR A 62 30.94 -16.51 -5.82
C TYR A 62 31.05 -16.12 -4.34
N GLN A 63 32.24 -15.69 -3.95
CA GLN A 63 32.50 -15.39 -2.54
C GLN A 63 32.62 -13.89 -2.35
N THR A 64 31.71 -13.31 -1.57
CA THR A 64 31.77 -11.93 -1.15
C THR A 64 32.08 -11.87 0.34
N LEU A 65 32.88 -10.89 0.74
CA LEU A 65 33.24 -10.73 2.15
C LEU A 65 32.22 -9.89 2.93
N ALA A 66 31.06 -9.59 2.32
CA ALA A 66 30.03 -8.84 3.03
C ALA A 66 29.48 -9.67 4.19
N ASN A 67 29.33 -9.02 5.35
CA ASN A 67 28.95 -9.66 6.60
C ASN A 67 27.59 -10.36 6.49
N PRO A 68 27.50 -11.67 6.76
CA PRO A 68 26.22 -12.37 6.57
C PRO A 68 25.14 -12.00 7.60
N ASP A 69 25.52 -11.78 8.86
CA ASP A 69 24.52 -11.42 9.85
C ASP A 69 23.90 -10.08 9.50
N LEU A 70 24.70 -9.18 8.91
CA LEU A 70 24.20 -7.88 8.48
C LEU A 70 23.29 -8.01 7.26
N ILE A 71 23.69 -8.81 6.27
CA ILE A 71 22.85 -8.96 5.07
C ILE A 71 21.50 -9.56 5.45
N MET A 72 21.49 -10.52 6.39
CA MET A 72 20.23 -11.15 6.76
C MET A 72 19.38 -10.22 7.63
N ALA A 73 20.01 -9.41 8.48
CA ALA A 73 19.25 -8.41 9.22
C ALA A 73 18.59 -7.40 8.29
N ARG A 74 19.31 -6.95 7.25
CA ARG A 74 18.69 -6.07 6.27
C ARG A 74 17.55 -6.77 5.55
N THR A 75 17.75 -8.06 5.22
CA THR A 75 16.71 -8.84 4.56
C THR A 75 15.46 -8.93 5.44
N HIS A 76 15.64 -9.30 6.70
CA HIS A 76 14.50 -9.39 7.62
C HIS A 76 13.79 -8.05 7.76
N LEU A 77 14.55 -6.93 7.75
CA LEU A 77 13.89 -5.64 7.91
C LEU A 77 13.07 -5.25 6.67
N ILE A 78 13.59 -5.50 5.47
CA ILE A 78 12.79 -5.23 4.28
C ILE A 78 11.52 -6.06 4.31
N VAL A 79 11.61 -7.33 4.70
CA VAL A 79 10.40 -8.17 4.78
C VAL A 79 9.43 -7.58 5.78
N GLU A 80 9.95 -7.11 6.92
CA GLU A 80 9.09 -6.56 7.96
C GLU A 80 8.42 -5.27 7.49
N ILE A 81 9.14 -4.43 6.75
CA ILE A 81 8.53 -3.23 6.21
C ILE A 81 7.36 -3.60 5.30
N GLY A 82 7.58 -4.60 4.43
CA GLY A 82 6.48 -5.08 3.60
C GLY A 82 5.29 -5.57 4.42
N LEU A 83 5.55 -6.41 5.42
CA LEU A 83 4.46 -6.92 6.25
C LEU A 83 3.71 -5.79 6.94
N THR A 84 4.45 -4.80 7.44
CA THR A 84 3.83 -3.74 8.23
C THR A 84 2.90 -2.88 7.37
N VAL A 85 3.39 -2.47 6.20
CA VAL A 85 2.61 -1.63 5.31
C VAL A 85 1.38 -2.40 4.81
N ASP A 86 1.55 -3.69 4.54
CA ASP A 86 0.43 -4.52 4.09
C ASP A 86 -0.66 -4.59 5.16
N LYS A 87 -0.27 -4.88 6.41
CA LYS A 87 -1.25 -4.95 7.49
C LYS A 87 -1.91 -3.60 7.70
N SER A 88 -1.10 -2.53 7.66
CA SER A 88 -1.64 -1.19 7.87
C SER A 88 -2.68 -0.85 6.81
N ALA A 89 -2.34 -1.08 5.54
CA ALA A 89 -3.24 -0.75 4.44
C ALA A 89 -4.55 -1.53 4.56
N ASN A 90 -4.47 -2.78 5.00
CA ASN A 90 -5.64 -3.64 5.04
C ASN A 90 -6.47 -3.48 6.30
N ASN A 91 -5.85 -3.12 7.43
CA ASN A 91 -6.53 -3.13 8.71
C ASN A 91 -6.77 -1.76 9.33
N LEU A 92 -5.99 -0.72 8.97
CA LEU A 92 -6.05 0.55 9.68
C LEU A 92 -6.71 1.66 8.86
N ARG A 93 -7.51 1.30 7.85
CA ARG A 93 -7.98 2.28 6.88
C ARG A 93 -8.81 3.38 7.53
N TYR A 94 -9.57 3.06 8.57
CA TYR A 94 -10.44 4.03 9.23
C TYR A 94 -9.87 4.54 10.54
N LYS A 95 -8.58 4.34 10.80
CA LYS A 95 -8.01 4.87 12.03
C LYS A 95 -7.78 6.37 11.89
N ILE A 96 -7.71 7.05 13.04
CA ILE A 96 -7.42 8.47 13.03
C ILE A 96 -6.05 8.71 12.38
N GLN A 97 -5.85 9.95 11.92
CA GLN A 97 -4.63 10.27 11.19
C GLN A 97 -3.38 10.06 12.03
N LYS A 98 -3.49 10.24 13.35
CA LYS A 98 -2.36 10.06 14.27
C LYS A 98 -1.78 8.66 14.17
N ALA A 99 -2.62 7.64 13.98
CA ALA A 99 -2.11 6.28 13.81
C ALA A 99 -1.22 6.19 12.58
N HIS A 100 -1.62 6.85 11.49
CA HIS A 100 -0.87 6.74 10.25
C HIS A 100 0.41 7.58 10.27
N VAL A 101 0.38 8.73 10.93
CA VAL A 101 1.60 9.53 11.06
C VAL A 101 2.65 8.73 11.84
N GLU A 102 2.24 8.10 12.93
CA GLU A 102 3.18 7.35 13.76
C GLU A 102 3.69 6.10 13.04
N LEU A 103 2.81 5.33 12.40
CA LEU A 103 3.28 4.16 11.67
C LEU A 103 4.11 4.58 10.45
N GLY A 104 3.73 5.66 9.79
CA GLY A 104 4.53 6.14 8.66
C GLY A 104 5.92 6.56 9.09
N PHE A 105 6.02 7.21 10.23
CA PHE A 105 7.32 7.61 10.75
C PHE A 105 8.19 6.39 11.06
N SER A 106 7.59 5.38 11.69
CA SER A 106 8.31 4.14 11.96
C SER A 106 8.79 3.48 10.67
N VAL A 107 7.93 3.45 9.64
CA VAL A 107 8.36 2.89 8.35
C VAL A 107 9.49 3.72 7.75
N THR A 108 9.36 5.06 7.78
CA THR A 108 10.39 5.91 7.18
C THR A 108 11.73 5.71 7.89
N ARG A 109 11.72 5.70 9.23
CA ARG A 109 12.96 5.47 9.97
C ARG A 109 13.58 4.13 9.61
N ALA A 110 12.74 3.09 9.47
CA ALA A 110 13.24 1.77 9.09
C ALA A 110 13.88 1.78 7.71
N ILE A 111 13.27 2.51 6.77
CA ILE A 111 13.85 2.60 5.43
C ILE A 111 15.17 3.34 5.47
N MET A 112 15.22 4.46 6.20
CA MET A 112 16.48 5.19 6.31
C MET A 112 17.58 4.31 6.90
N ARG A 113 17.23 3.52 7.91
CA ARG A 113 18.24 2.64 8.53
C ARG A 113 18.67 1.53 7.58
N VAL A 114 17.72 0.88 6.91
CA VAL A 114 18.13 -0.25 6.07
C VAL A 114 19.01 0.20 4.90
N ALA A 115 18.88 1.46 4.48
CA ALA A 115 19.71 2.01 3.41
C ALA A 115 21.02 2.60 3.92
N ASN A 116 21.20 2.68 5.23
CA ASN A 116 22.31 3.41 5.83
C ASN A 116 23.58 2.56 5.78
N ILE A 117 24.64 3.04 5.14
CA ILE A 117 25.88 2.27 5.06
C ILE A 117 26.52 2.04 6.41
N GLY A 118 26.10 2.75 7.46
CA GLY A 118 26.60 2.50 8.80
C GLY A 118 25.72 1.64 9.68
N ALA A 119 24.61 1.11 9.17
CA ALA A 119 23.67 0.36 9.99
C ALA A 119 24.35 -0.86 10.61
N THR A 120 24.01 -1.14 11.87
CA THR A 120 24.48 -2.33 12.57
C THR A 120 23.36 -3.36 12.68
N VAL A 121 23.75 -4.60 12.99
CA VAL A 121 22.77 -5.65 13.27
C VAL A 121 21.81 -5.21 14.37
N TYR A 122 22.34 -4.65 15.46
CA TYR A 122 21.48 -4.20 16.55
C TYR A 122 20.45 -3.19 16.07
N GLN A 123 20.88 -2.23 15.25
CA GLN A 123 19.99 -1.16 14.82
C GLN A 123 18.91 -1.70 13.90
N LEU A 124 19.31 -2.58 12.96
CA LEU A 124 18.34 -3.16 12.05
C LEU A 124 17.34 -4.03 12.79
N ASN A 125 17.81 -4.83 13.75
CA ASN A 125 16.91 -5.63 14.55
C ASN A 125 16.00 -4.75 15.40
N ASP A 126 16.54 -3.64 15.92
CA ASP A 126 15.70 -2.73 16.70
C ASP A 126 14.65 -2.05 15.82
N SER A 127 14.95 -1.83 14.54
CA SER A 127 13.94 -1.30 13.63
C SER A 127 12.80 -2.30 13.43
N ILE A 128 13.13 -3.59 13.30
CA ILE A 128 12.09 -4.61 13.22
C ILE A 128 11.20 -4.56 14.46
N SER A 129 11.82 -4.46 15.64
CA SER A 129 11.03 -4.37 16.87
C SER A 129 10.18 -3.11 16.90
N ASP A 130 10.70 -2.01 16.37
CA ASP A 130 9.95 -0.75 16.41
C ASP A 130 8.76 -0.78 15.47
N LEU A 131 8.92 -1.37 14.29
CA LEU A 131 7.77 -1.54 13.41
C LEU A 131 6.67 -2.34 14.08
N ARG A 132 7.03 -3.44 14.75
CA ARG A 132 6.01 -4.28 15.39
C ARG A 132 5.36 -3.56 16.55
N ALA A 133 6.16 -2.91 17.39
CA ALA A 133 5.63 -2.19 18.53
C ALA A 133 4.72 -1.06 18.08
N THR A 134 5.10 -0.37 17.00
CA THR A 134 4.30 0.76 16.53
C THR A 134 2.98 0.27 15.95
N TYR A 135 3.03 -0.80 15.16
CA TYR A 135 1.78 -1.35 14.63
C TYR A 135 0.84 -1.75 15.75
N GLU A 136 1.36 -2.50 16.73
CA GLU A 136 0.51 -2.93 17.83
C GLU A 136 -0.08 -1.75 18.58
N ARG A 137 0.72 -0.70 18.81
CA ARG A 137 0.22 0.46 19.54
C ARG A 137 -0.90 1.16 18.77
N VAL A 138 -0.64 1.54 17.52
CA VAL A 138 -1.61 2.37 16.81
C VAL A 138 -2.85 1.56 16.41
N SER A 139 -2.76 0.23 16.45
CA SER A 139 -3.93 -0.61 16.15
C SER A 139 -5.05 -0.38 17.16
N THR A 140 -4.70 0.03 18.37
CA THR A 140 -5.65 0.31 19.42
C THR A 140 -6.12 1.75 19.43
N TYR A 141 -5.62 2.59 18.52
CA TYR A 141 -6.09 3.97 18.47
C TYR A 141 -7.55 4.01 18.03
N ARG A 142 -8.22 5.08 18.31
CA ARG A 142 -9.59 5.14 17.92
C ARG A 142 -9.82 5.32 16.45
N ASP A 143 -11.02 4.99 16.04
CA ASP A 143 -11.37 5.17 14.65
C ASP A 143 -11.83 6.60 14.40
N LEU A 144 -11.72 7.01 13.14
CA LEU A 144 -12.32 8.26 12.68
C LEU A 144 -13.80 8.28 13.03
N LYS A 145 -14.31 9.46 13.39
CA LYS A 145 -15.75 9.66 13.37
C LYS A 145 -16.19 9.91 11.93
N SER A 146 -17.44 9.55 11.63
CA SER A 146 -17.93 9.80 10.28
C SER A 146 -17.93 11.29 9.95
N THR A 147 -17.93 12.17 10.96
CA THR A 147 -17.89 13.61 10.75
C THR A 147 -16.47 14.15 10.58
N ASP A 148 -15.44 13.35 10.84
CA ASP A 148 -14.07 13.80 10.65
C ASP A 148 -13.75 13.95 9.17
N THR A 149 -12.73 14.75 8.88
CA THR A 149 -12.25 14.87 7.51
C THR A 149 -11.65 13.55 7.06
N ALA A 150 -12.01 13.12 5.85
CA ALA A 150 -11.48 11.86 5.34
C ALA A 150 -9.96 11.95 5.25
N THR A 151 -9.28 10.92 5.75
CA THR A 151 -7.86 10.80 5.52
C THR A 151 -7.61 10.37 4.07
N ILE A 152 -6.33 10.39 3.67
CA ILE A 152 -6.04 9.90 2.32
C ILE A 152 -6.34 8.41 2.20
N TYR A 153 -6.31 7.67 3.32
CA TYR A 153 -6.62 6.25 3.27
C TYR A 153 -8.09 6.01 2.95
N VAL A 154 -8.98 6.83 3.52
CA VAL A 154 -10.40 6.74 3.17
C VAL A 154 -10.63 7.21 1.74
N LYS A 155 -9.99 8.33 1.37
CA LYS A 155 -10.06 8.81 -0.02
C LYS A 155 -9.57 7.77 -1.00
N ASP A 156 -8.55 6.97 -0.62
CA ASP A 156 -8.07 5.92 -1.52
C ASP A 156 -9.12 4.83 -1.70
N LEU A 157 -9.91 4.53 -0.67
CA LEU A 157 -11.01 3.57 -0.83
C LEU A 157 -12.06 4.09 -1.82
N LEU A 158 -12.34 5.37 -1.80
CA LEU A 158 -13.26 5.99 -2.72
C LEU A 158 -12.68 5.95 -4.14
N ASN A 159 -11.40 6.24 -4.24
CA ASN A 159 -10.74 6.20 -5.53
C ASN A 159 -10.76 4.83 -6.10
N LYS A 160 -10.55 3.82 -5.27
CA LYS A 160 -10.64 2.45 -5.73
C LYS A 160 -12.02 2.12 -6.29
N ALA A 161 -13.07 2.57 -5.60
CA ALA A 161 -14.43 2.35 -6.09
C ALA A 161 -14.68 3.07 -7.41
N ILE A 162 -14.15 4.29 -7.56
CA ILE A 162 -14.28 5.00 -8.82
C ILE A 162 -13.63 4.20 -9.94
N TRP A 163 -12.39 3.77 -9.72
CA TRP A 163 -11.69 3.05 -10.77
C TRP A 163 -12.33 1.70 -11.04
N ASN A 164 -12.73 0.98 -9.97
CA ASN A 164 -13.46 -0.26 -10.16
C ASN A 164 -14.69 -0.04 -11.01
N THR A 165 -15.40 1.08 -10.80
CA THR A 165 -16.63 1.33 -11.56
C THR A 165 -16.33 1.65 -13.01
N ARG A 166 -15.25 2.42 -13.25
CA ARG A 166 -14.84 2.72 -14.62
C ARG A 166 -14.48 1.45 -15.37
N VAL A 167 -13.67 0.59 -14.74
CA VAL A 167 -13.25 -0.65 -15.39
C VAL A 167 -14.46 -1.50 -15.74
N ALA A 168 -15.35 -1.72 -14.75
CA ALA A 168 -16.55 -2.50 -15.00
C ALA A 168 -17.48 -1.83 -16.01
N ARG A 169 -17.50 -0.49 -16.04
CA ARG A 169 -18.37 0.19 -17.00
C ARG A 169 -17.95 -0.10 -18.43
N ASP A 170 -16.65 -0.10 -18.69
CA ASP A 170 -16.15 -0.30 -20.05
C ASP A 170 -16.29 -1.74 -20.50
N LYS A 171 -16.31 -2.70 -19.57
CA LYS A 171 -16.38 -4.10 -19.90
C LYS A 171 -17.82 -4.64 -19.95
N GLU A 172 -18.76 -3.98 -19.27
CA GLU A 172 -20.12 -4.51 -19.16
C GLU A 172 -21.21 -3.57 -19.63
N ILE A 173 -20.99 -2.26 -19.61
CA ILE A 173 -22.04 -1.29 -19.95
C ILE A 173 -21.84 -0.72 -21.34
N LEU A 174 -20.65 -0.21 -21.62
CA LEU A 174 -20.36 0.27 -22.97
C LEU A 174 -20.46 -0.85 -23.98
N THR A 175 -20.03 -2.05 -23.57
CA THR A 175 -20.02 -3.20 -24.48
C THR A 175 -21.43 -3.63 -24.87
N HIS A 176 -22.39 -3.56 -23.93
CA HIS A 176 -23.69 -4.19 -24.15
C HIS A 176 -24.93 -3.35 -23.82
N LYS A 177 -24.79 -2.09 -23.41
CA LYS A 177 -25.96 -1.36 -22.93
C LYS A 177 -26.25 -0.13 -23.76
N ASN A 178 -27.39 0.47 -23.46
CA ASN A 178 -27.86 1.70 -24.11
C ASN A 178 -26.87 2.84 -23.88
N PHE A 179 -26.84 3.79 -24.83
CA PHE A 179 -26.04 5.00 -24.63
CA PHE A 179 -26.04 5.00 -24.64
C PHE A 179 -26.52 5.78 -23.42
N ARG A 180 -27.84 5.90 -23.25
CA ARG A 180 -28.39 6.59 -22.08
C ARG A 180 -28.00 5.89 -20.79
N THR A 181 -27.93 4.55 -20.82
CA THR A 181 -27.52 3.81 -19.63
C THR A 181 -26.06 4.11 -19.28
N TYR A 182 -25.20 4.13 -20.30
CA TYR A 182 -23.81 4.48 -20.10
C TYR A 182 -23.65 5.88 -19.54
N GLN A 183 -24.37 6.85 -20.13
CA GLN A 183 -24.21 8.25 -19.74
C GLN A 183 -24.71 8.50 -18.33
N THR A 184 -25.85 7.91 -17.96
CA THR A 184 -26.34 8.01 -16.59
C THR A 184 -25.29 7.53 -15.58
N LEU A 185 -24.67 6.39 -15.87
CA LEU A 185 -23.64 5.88 -14.96
C LEU A 185 -22.46 6.84 -14.89
N ASN A 186 -22.05 7.40 -16.04
CA ASN A 186 -20.95 8.36 -16.02
C ASN A 186 -21.26 9.56 -15.14
N LYS A 187 -22.52 10.03 -15.17
CA LYS A 187 -22.91 11.13 -14.30
C LYS A 187 -22.73 10.78 -12.83
N GLU A 188 -23.05 9.53 -12.46
CA GLU A 188 -22.87 9.14 -11.07
C GLU A 188 -21.39 8.99 -10.72
N ILE A 189 -20.59 8.50 -11.67
CA ILE A 189 -19.14 8.46 -11.47
C ILE A 189 -18.61 9.87 -11.21
N THR A 190 -19.07 10.83 -12.01
CA THR A 190 -18.63 12.21 -11.83
C THR A 190 -18.95 12.73 -10.44
N LYS A 191 -20.13 12.41 -9.92
CA LYS A 191 -20.48 12.83 -8.56
C LYS A 191 -19.48 12.30 -7.56
N ALA A 192 -19.09 11.03 -7.69
CA ALA A 192 -18.07 10.48 -6.79
C ALA A 192 -16.73 11.15 -6.97
N VAL A 193 -16.34 11.46 -8.22
CA VAL A 193 -15.07 12.12 -8.47
C VAL A 193 -15.02 13.45 -7.71
N ARG A 194 -16.14 14.19 -7.69
CA ARG A 194 -16.15 15.50 -7.05
C ARG A 194 -15.91 15.37 -5.55
N VAL A 195 -16.59 14.41 -4.91
CA VAL A 195 -16.34 14.11 -3.50
C VAL A 195 -14.87 13.81 -3.29
N TRP A 196 -14.28 12.97 -4.15
CA TRP A 196 -12.88 12.59 -4.01
C TRP A 196 -11.95 13.81 -4.08
N PHE A 197 -12.29 14.79 -4.92
CA PHE A 197 -11.44 15.95 -5.06
C PHE A 197 -11.66 16.98 -3.95
N LYS A 198 -12.80 16.94 -3.26
CA LYS A 198 -13.11 17.93 -2.23
C LYS A 198 -12.23 17.70 -1.02
N ALA A 199 -11.31 18.64 -0.77
CA ALA A 199 -10.28 18.43 0.26
C ALA A 199 -10.89 18.30 1.64
N LYS A 200 -12.06 18.88 1.88
CA LYS A 200 -12.68 18.85 3.20
C LYS A 200 -13.82 17.85 3.28
N ALA A 201 -13.90 16.92 2.33
CA ALA A 201 -14.91 15.87 2.38
C ALA A 201 -14.76 15.07 3.67
N THR A 202 -15.89 14.76 4.30
CA THR A 202 -15.88 13.96 5.50
C THR A 202 -15.81 12.48 5.16
N VAL A 203 -15.45 11.67 6.16
CA VAL A 203 -15.53 10.22 6.02
C VAL A 203 -16.91 9.82 5.51
N ALA A 204 -17.96 10.37 6.13
CA ALA A 204 -19.31 10.01 5.75
C ALA A 204 -19.60 10.37 4.29
N GLU A 205 -19.10 11.50 3.82
CA GLU A 205 -19.33 11.87 2.42
C GLU A 205 -18.65 10.88 1.49
N CYS A 206 -17.46 10.39 1.87
CA CYS A 206 -16.77 9.41 1.03
C CYS A 206 -17.51 8.07 1.03
N ASP A 207 -17.92 7.60 2.22
CA ASP A 207 -18.69 6.36 2.31
C ASP A 207 -19.99 6.44 1.53
N ALA A 208 -20.68 7.59 1.61
CA ALA A 208 -21.92 7.75 0.85
C ALA A 208 -21.66 7.73 -0.64
N ALA A 209 -20.58 8.36 -1.09
CA ALA A 209 -20.25 8.34 -2.51
C ALA A 209 -19.99 6.92 -3.00
N ILE A 210 -19.27 6.13 -2.21
CA ILE A 210 -19.05 4.73 -2.58
C ILE A 210 -20.37 3.99 -2.70
N ALA A 211 -21.25 4.15 -1.70
CA ALA A 211 -22.52 3.43 -1.75
C ALA A 211 -23.36 3.84 -2.95
N LYS A 212 -23.40 5.14 -3.26
CA LYS A 212 -24.20 5.60 -4.42
C LYS A 212 -23.63 5.06 -5.72
N LEU A 213 -22.30 4.96 -5.80
CA LEU A 213 -21.65 4.44 -7.00
C LEU A 213 -21.97 2.97 -7.21
N ASN A 214 -21.96 2.18 -6.14
CA ASN A 214 -22.31 0.77 -6.26
C ASN A 214 -23.76 0.60 -6.70
N THR A 215 -24.66 1.44 -6.17
CA THR A 215 -26.06 1.38 -6.58
C THR A 215 -26.23 1.80 -8.04
N ALA A 216 -25.48 2.82 -8.46
CA ALA A 216 -25.56 3.25 -9.85
C ALA A 216 -25.04 2.17 -10.80
N TYR A 217 -23.96 1.48 -10.44
CA TYR A 217 -23.48 0.43 -11.32
C TYR A 217 -24.48 -0.72 -11.41
N ALA A 218 -25.05 -1.10 -10.27
CA ALA A 218 -26.07 -2.16 -10.27
C ALA A 218 -27.24 -1.80 -11.17
N THR A 219 -27.71 -0.55 -11.10
CA THR A 219 -28.78 -0.10 -11.99
C THR A 219 -28.38 -0.25 -13.45
N ALA A 220 -27.14 0.14 -13.78
CA ALA A 220 -26.70 0.05 -15.17
C ALA A 220 -26.53 -1.40 -15.61
N TYR A 221 -26.00 -2.25 -14.73
CA TYR A 221 -25.77 -3.65 -15.10
C TYR A 221 -27.09 -4.37 -15.32
N SER A 222 -28.11 -4.06 -14.52
CA SER A 222 -29.41 -4.69 -14.67
C SER A 222 -30.21 -4.12 -15.83
N ALA A 223 -29.73 -3.06 -16.48
CA ALA A 223 -30.44 -2.48 -17.62
C ALA A 223 -30.49 -3.48 -18.78
N PRO A 224 -31.48 -3.35 -19.67
CA PRO A 224 -31.59 -4.27 -20.81
C PRO A 224 -30.44 -4.08 -21.79
N SER A 225 -29.86 -5.19 -22.23
CA SER A 225 -28.81 -5.14 -23.24
C SER A 225 -29.41 -4.85 -24.62
N VAL A 226 -28.52 -4.53 -25.56
CA VAL A 226 -28.91 -4.33 -26.96
C VAL A 226 -27.70 -4.40 -27.87
#